data_2C5R
#
_entry.id   2C5R
#
_cell.length_a   65.505
_cell.length_b   72.111
_cell.length_c   127.360
_cell.angle_alpha   90.00
_cell.angle_beta   90.00
_cell.angle_gamma   90.00
#
_symmetry.space_group_name_H-M   'P 21 21 21'
#
loop_
_entity.id
_entity.type
_entity.pdbx_description
1 polymer 'EARLY PROTEIN P16.7'
2 polymer "5'-D(*TP*CP*CP*AP*CP*CP*GP*GP)-3'"
3 polymer "5'-D(*CP*CP*GP*GP*TP*GP*GP*AP)-3'"
4 water water
#
loop_
_entity_poly.entity_id
_entity_poly.type
_entity_poly.pdbx_seq_one_letter_code
_entity_poly.pdbx_strand_id
1 'polypeptide(L)' KTVNLSACEVAVLDLYEQSNIRIPSDIIEDLVNQRLQSEQEVLNYIETQRTYWKLENQKKLYRGSLK A,B,C,D,E,F
2 'polydeoxyribonucleotide' (DT)(DC)(DC)(DA)(DC)(DC)(DG)(DG) Y
3 'polydeoxyribonucleotide' (DC)(DC)(DG)(DG)(DT)(DG)(DG)(DA) Z
#
loop_
_chem_comp.id
_chem_comp.type
_chem_comp.name
_chem_comp.formula
DA DNA linking 2'-DEOXYADENOSINE-5'-MONOPHOSPHATE 'C10 H14 N5 O6 P'
DC DNA linking 2'-DEOXYCYTIDINE-5'-MONOPHOSPHATE 'C9 H14 N3 O7 P'
DG DNA linking 2'-DEOXYGUANOSINE-5'-MONOPHOSPHATE 'C10 H14 N5 O7 P'
DT DNA linking THYMIDINE-5'-MONOPHOSPHATE 'C10 H15 N2 O8 P'
#
# COMPACT_ATOMS: atom_id res chain seq x y z
N ASN A 4 -20.10 -6.62 -14.77
CA ASN A 4 -20.11 -7.18 -16.17
C ASN A 4 -18.95 -6.68 -17.08
N LEU A 5 -18.09 -7.64 -17.44
CA LEU A 5 -16.74 -7.35 -17.95
C LEU A 5 -16.26 -8.33 -19.06
N SER A 6 -15.11 -7.99 -19.64
CA SER A 6 -14.46 -8.87 -20.61
C SER A 6 -13.98 -10.19 -20.02
N ALA A 7 -14.05 -11.29 -20.80
CA ALA A 7 -13.63 -12.62 -20.33
C ALA A 7 -12.18 -12.73 -19.79
N CYS A 8 -11.23 -11.97 -20.35
CA CYS A 8 -9.84 -12.11 -19.91
C CYS A 8 -9.65 -11.32 -18.64
N GLU A 9 -10.44 -10.25 -18.52
CA GLU A 9 -10.44 -9.47 -17.27
C GLU A 9 -10.76 -10.45 -16.13
N VAL A 10 -12.01 -10.91 -16.15
CA VAL A 10 -12.46 -12.04 -15.35
C VAL A 10 -11.32 -13.08 -15.10
N ALA A 11 -10.67 -13.55 -16.16
CA ALA A 11 -9.67 -14.61 -16.04
C ALA A 11 -8.63 -14.24 -15.00
N VAL A 12 -8.20 -12.97 -15.01
CA VAL A 12 -7.13 -12.51 -14.09
C VAL A 12 -7.69 -12.18 -12.70
N LEU A 13 -8.77 -11.42 -12.65
CA LEU A 13 -9.49 -11.26 -11.40
C LEU A 13 -9.68 -12.55 -10.65
N ASP A 14 -9.86 -13.66 -11.33
CA ASP A 14 -9.96 -14.93 -10.58
C ASP A 14 -8.64 -15.52 -10.05
N LEU A 15 -7.56 -15.30 -10.77
CA LEU A 15 -6.26 -15.54 -10.23
C LEU A 15 -6.15 -14.78 -8.90
N TYR A 16 -6.57 -13.51 -8.88
CA TYR A 16 -6.31 -12.75 -7.66
C TYR A 16 -7.15 -13.37 -6.57
N GLU A 17 -8.37 -13.76 -6.92
CA GLU A 17 -9.23 -14.39 -5.93
C GLU A 17 -8.73 -15.71 -5.39
N GLN A 18 -8.29 -16.60 -6.27
CA GLN A 18 -7.52 -17.74 -5.82
C GLN A 18 -6.34 -17.42 -4.89
N SER A 19 -5.65 -16.26 -5.03
CA SER A 19 -4.54 -16.00 -4.10
C SER A 19 -5.05 -15.24 -2.88
N ASN A 20 -6.38 -15.02 -2.78
CA ASN A 20 -7.04 -14.20 -1.74
C ASN A 20 -6.46 -12.82 -1.57
N ILE A 21 -6.48 -11.99 -2.60
CA ILE A 21 -6.00 -10.64 -2.55
C ILE A 21 -7.19 -9.79 -2.95
N ARG A 22 -7.65 -8.90 -2.09
CA ARG A 22 -8.74 -8.05 -2.52
C ARG A 22 -8.18 -6.98 -3.43
N ILE A 23 -8.81 -6.76 -4.58
CA ILE A 23 -8.41 -5.66 -5.43
C ILE A 23 -9.23 -4.44 -5.04
N PRO A 24 -8.61 -3.30 -4.72
CA PRO A 24 -9.39 -2.09 -4.45
C PRO A 24 -10.32 -1.80 -5.60
N SER A 25 -11.50 -1.25 -5.39
CA SER A 25 -12.41 -1.09 -6.51
C SER A 25 -12.05 0.03 -7.51
N ASP A 26 -11.28 1.04 -7.04
CA ASP A 26 -10.75 2.05 -7.93
C ASP A 26 -9.97 1.36 -9.01
N ILE A 27 -9.22 0.32 -8.67
CA ILE A 27 -8.50 -0.37 -9.71
C ILE A 27 -9.48 -0.95 -10.70
N ILE A 28 -10.54 -1.60 -10.22
CA ILE A 28 -11.54 -2.11 -11.13
C ILE A 28 -12.14 -1.05 -12.07
N GLU A 29 -12.53 0.10 -11.52
CA GLU A 29 -12.91 1.26 -12.35
C GLU A 29 -11.93 1.51 -13.46
N ASP A 30 -10.69 1.85 -13.12
CA ASP A 30 -9.72 2.23 -14.11
C ASP A 30 -9.53 1.15 -15.16
N LEU A 31 -9.49 -0.08 -14.69
CA LEU A 31 -9.41 -1.24 -15.57
C LEU A 31 -10.49 -1.31 -16.66
N VAL A 32 -11.78 -1.16 -16.34
CA VAL A 32 -12.80 -1.15 -17.37
C VAL A 32 -12.50 -0.09 -18.43
N ASN A 33 -12.17 1.15 -18.01
CA ASN A 33 -11.85 2.17 -19.01
C ASN A 33 -10.56 1.88 -19.73
N GLN A 34 -10.31 0.68 -20.24
CA GLN A 34 -9.12 0.52 -21.08
C GLN A 34 -9.20 -0.58 -22.11
N ARG A 35 -10.28 -1.35 -22.11
CA ARG A 35 -10.42 -2.54 -22.97
C ARG A 35 -9.09 -3.21 -23.33
N LEU A 36 -8.27 -3.56 -22.35
CA LEU A 36 -7.03 -4.25 -22.68
C LEU A 36 -7.35 -5.62 -23.28
N GLN A 37 -6.45 -6.13 -24.16
CA GLN A 37 -6.77 -7.37 -24.88
C GLN A 37 -6.19 -8.75 -24.49
N SER A 38 -4.93 -8.81 -24.00
CA SER A 38 -4.40 -10.11 -23.52
C SER A 38 -4.60 -10.22 -22.02
N GLU A 39 -4.46 -11.41 -21.47
CA GLU A 39 -4.45 -11.53 -20.01
C GLU A 39 -3.18 -10.95 -19.41
N GLN A 40 -2.05 -11.21 -20.06
CA GLN A 40 -0.85 -10.46 -19.80
C GLN A 40 -1.06 -8.96 -19.57
N GLU A 41 -1.76 -8.29 -20.48
CA GLU A 41 -1.88 -6.86 -20.35
C GLU A 41 -2.69 -6.48 -19.11
N VAL A 42 -3.84 -7.13 -18.93
CA VAL A 42 -4.69 -6.94 -17.72
C VAL A 42 -3.90 -7.08 -16.40
N LEU A 43 -3.23 -8.20 -16.25
CA LEU A 43 -2.31 -8.41 -15.11
C LEU A 43 -1.25 -7.34 -14.94
N ASN A 44 -0.54 -6.94 -15.99
CA ASN A 44 0.41 -5.88 -15.83
C ASN A 44 -0.24 -4.61 -15.38
N TYR A 45 -1.42 -4.36 -15.89
CA TYR A 45 -2.06 -3.13 -15.62
C TYR A 45 -2.44 -3.08 -14.17
N ILE A 46 -3.10 -4.16 -13.74
CA ILE A 46 -3.50 -4.34 -12.36
C ILE A 46 -2.34 -4.26 -11.45
N GLU A 47 -1.24 -4.90 -11.77
CA GLU A 47 -0.07 -4.86 -10.90
C GLU A 47 0.55 -3.48 -10.71
N THR A 48 0.41 -2.64 -11.73
CA THR A 48 0.89 -1.29 -11.67
C THR A 48 0.06 -0.59 -10.65
N GLN A 49 -1.24 -0.90 -10.71
CA GLN A 49 -2.21 -0.15 -9.92
C GLN A 49 -2.14 -0.44 -8.40
N ARG A 50 -1.85 -1.69 -8.08
CA ARG A 50 -1.45 -2.10 -6.76
C ARG A 50 -0.24 -1.34 -6.23
N THR A 51 0.78 -1.09 -7.05
CA THR A 51 1.92 -0.36 -6.57
C THR A 51 1.44 1.03 -6.36
N TYR A 52 0.56 1.50 -7.21
CA TYR A 52 0.06 2.86 -7.10
C TYR A 52 -0.53 3.15 -5.74
N TRP A 53 -1.37 2.25 -5.30
CA TRP A 53 -2.08 2.37 -4.08
C TRP A 53 -1.34 1.86 -2.84
N LYS A 54 -0.36 0.99 -3.00
CA LYS A 54 0.61 0.70 -1.96
C LYS A 54 1.29 2.00 -1.61
N LEU A 55 1.56 2.78 -2.64
CA LEU A 55 2.34 4.01 -2.45
C LEU A 55 1.46 5.14 -1.91
N GLU A 56 0.33 5.31 -2.54
CA GLU A 56 -0.56 6.30 -2.08
C GLU A 56 -0.82 6.13 -0.60
N ASN A 57 -1.11 4.91 -0.16
CA ASN A 57 -1.58 4.62 1.18
C ASN A 57 -0.52 4.73 2.21
N GLN A 58 0.70 4.82 1.69
CA GLN A 58 1.91 5.01 2.49
C GLN A 58 2.27 6.48 2.79
N LYS A 59 1.54 7.39 2.16
CA LYS A 59 1.77 8.83 2.28
C LYS A 59 1.39 9.24 3.63
N LYS A 60 2.22 9.97 4.30
CA LYS A 60 2.02 10.27 5.69
C LYS A 60 1.27 11.57 5.81
N LEU A 61 0.22 11.60 6.60
CA LEU A 61 -0.59 12.80 6.81
C LEU A 61 0.10 13.78 7.76
N TYR A 62 0.00 15.08 7.45
CA TYR A 62 0.56 16.12 8.29
C TYR A 62 -0.41 16.54 9.37
N ARG A 63 -0.08 16.26 10.62
CA ARG A 63 -1.02 16.54 11.71
C ARG A 63 -0.80 17.92 12.30
N GLY A 64 -1.71 18.83 11.94
CA GLY A 64 -1.70 20.20 12.43
C GLY A 64 -2.63 20.35 13.64
N SER A 65 -3.39 19.30 13.98
CA SER A 65 -4.37 19.38 15.10
C SER A 65 -4.33 18.30 16.19
N LEU A 66 -3.95 17.04 15.76
CA LEU A 66 -3.95 15.91 16.68
C LEU A 66 -4.59 16.31 17.99
N LYS A 67 -3.42 18.10 18.31
N ASN B 4 -23.06 12.08 0.49
CA ASN B 4 -23.84 12.88 1.49
C ASN B 4 -23.59 12.48 2.98
N LEU B 5 -22.53 13.06 3.58
CA LEU B 5 -21.90 12.49 4.79
C LEU B 5 -21.97 13.42 6.00
N SER B 6 -21.61 12.85 7.17
CA SER B 6 -21.51 13.57 8.46
C SER B 6 -20.62 14.79 8.38
N ALA B 7 -20.81 15.78 9.24
CA ALA B 7 -19.89 16.94 9.24
C ALA B 7 -18.44 16.54 9.52
N CYS B 8 -18.17 15.79 10.59
CA CYS B 8 -16.76 15.48 10.91
C CYS B 8 -16.13 14.60 9.87
N GLU B 9 -16.90 13.61 9.36
CA GLU B 9 -16.44 12.82 8.21
C GLU B 9 -15.89 13.81 7.18
N VAL B 10 -16.72 14.74 6.74
CA VAL B 10 -16.30 15.79 5.81
C VAL B 10 -15.06 16.58 6.33
N ALA B 11 -15.00 16.86 7.62
CA ALA B 11 -13.85 17.60 8.13
C ALA B 11 -12.51 16.91 7.77
N VAL B 12 -12.47 15.58 8.01
CA VAL B 12 -11.26 14.75 7.88
C VAL B 12 -10.92 14.49 6.41
N LEU B 13 -11.87 13.97 5.65
CA LEU B 13 -11.64 13.89 4.21
C LEU B 13 -11.15 15.15 3.51
N ASP B 14 -11.38 16.35 4.02
CA ASP B 14 -10.74 17.50 3.37
C ASP B 14 -9.36 17.71 3.87
N LEU B 15 -9.08 17.33 5.10
CA LEU B 15 -7.70 17.15 5.51
C LEU B 15 -6.89 16.41 4.46
N TYR B 16 -7.39 15.22 4.09
CA TYR B 16 -6.67 14.33 3.16
C TYR B 16 -6.64 14.95 1.82
N GLU B 17 -7.68 15.64 1.43
CA GLU B 17 -7.61 16.38 0.21
C GLU B 17 -6.61 17.55 0.25
N GLN B 18 -6.57 18.32 1.32
CA GLN B 18 -5.55 19.34 1.38
C GLN B 18 -4.15 18.79 1.43
N SER B 19 -3.99 17.50 1.78
CA SER B 19 -2.68 16.94 1.63
C SER B 19 -2.48 16.20 0.28
N ASN B 20 -3.42 16.37 -0.65
CA ASN B 20 -3.37 15.64 -1.94
C ASN B 20 -3.17 14.12 -1.84
N ILE B 21 -3.98 13.46 -1.02
CA ILE B 21 -3.97 12.02 -0.80
C ILE B 21 -5.30 11.46 -1.22
N ARG B 22 -5.32 10.51 -2.13
CA ARG B 22 -6.58 9.89 -2.50
C ARG B 22 -6.89 8.89 -1.42
N ILE B 23 -8.16 8.88 -1.01
CA ILE B 23 -8.63 7.81 -0.15
C ILE B 23 -9.35 6.80 -1.03
N PRO B 24 -8.88 5.57 -1.07
CA PRO B 24 -9.57 4.55 -1.88
C PRO B 24 -11.05 4.50 -1.56
N SER B 25 -11.89 4.13 -2.49
CA SER B 25 -13.28 4.22 -2.17
C SER B 25 -13.86 3.09 -1.32
N ASP B 26 -13.18 1.96 -1.24
CA ASP B 26 -13.50 0.97 -0.21
C ASP B 26 -13.39 1.52 1.19
N ILE B 27 -12.43 2.39 1.42
CA ILE B 27 -12.38 3.05 2.71
C ILE B 27 -13.60 3.94 2.96
N ILE B 28 -14.06 4.67 1.99
CA ILE B 28 -15.21 5.51 2.18
C ILE B 28 -16.42 4.64 2.56
N GLU B 29 -16.84 3.73 1.68
CA GLU B 29 -17.73 2.66 2.05
C GLU B 29 -17.66 2.29 3.50
N ASP B 30 -16.47 1.84 3.94
CA ASP B 30 -16.30 1.28 5.29
C ASP B 30 -16.44 2.27 6.41
N LEU B 31 -16.20 3.50 6.07
CA LEU B 31 -16.39 4.59 6.97
C LEU B 31 -17.85 5.04 7.16
N VAL B 32 -18.65 5.11 6.08
CA VAL B 32 -20.07 5.40 6.27
C VAL B 32 -20.67 4.37 7.28
N ASN B 33 -20.25 3.09 7.10
CA ASN B 33 -20.74 2.01 7.98
C ASN B 33 -20.33 2.07 9.50
N GLN B 34 -20.07 3.25 10.06
CA GLN B 34 -19.72 3.24 11.50
C GLN B 34 -20.12 4.48 12.25
N ARG B 35 -20.67 5.48 11.52
CA ARG B 35 -21.11 6.78 12.09
C ARG B 35 -20.20 7.28 13.24
N LEU B 36 -18.89 7.25 13.07
CA LEU B 36 -18.10 7.58 14.25
C LEU B 36 -18.33 9.04 14.68
N GLN B 37 -18.09 9.37 15.94
CA GLN B 37 -18.55 10.68 16.37
C GLN B 37 -17.60 11.86 16.61
N SER B 38 -16.28 11.61 16.78
CA SER B 38 -15.33 12.73 16.75
C SER B 38 -14.56 12.62 15.43
N GLU B 39 -13.92 13.72 15.04
CA GLU B 39 -12.86 13.64 14.04
C GLU B 39 -11.78 12.66 14.48
N GLN B 40 -11.38 12.70 15.76
CA GLN B 40 -10.33 11.83 16.27
C GLN B 40 -10.56 10.37 15.93
N GLU B 41 -11.80 9.91 16.03
CA GLU B 41 -12.12 8.51 15.71
C GLU B 41 -12.12 8.26 14.19
N VAL B 42 -12.78 9.15 13.45
CA VAL B 42 -12.71 9.10 12.01
C VAL B 42 -11.24 8.99 11.66
N LEU B 43 -10.43 9.96 12.07
CA LEU B 43 -9.05 9.92 11.59
C LEU B 43 -8.39 8.55 11.87
N ASN B 44 -8.55 8.06 13.11
CA ASN B 44 -7.92 6.78 13.48
C ASN B 44 -8.42 5.65 12.65
N TYR B 45 -9.71 5.71 12.33
CA TYR B 45 -10.32 4.63 11.60
C TYR B 45 -9.71 4.54 10.17
N ILE B 46 -9.73 5.69 9.48
CA ILE B 46 -9.11 5.87 8.18
C ILE B 46 -7.61 5.54 8.15
N GLU B 47 -6.82 6.05 9.07
CA GLU B 47 -5.46 5.58 9.13
C GLU B 47 -5.34 4.07 9.20
N THR B 48 -6.18 3.40 9.97
CA THR B 48 -6.12 1.95 10.06
C THR B 48 -6.42 1.31 8.71
N GLN B 49 -7.27 1.95 7.93
CA GLN B 49 -7.65 1.32 6.69
C GLN B 49 -6.63 1.49 5.59
N ARG B 50 -5.95 2.65 5.58
CA ARG B 50 -4.76 2.91 4.80
C ARG B 50 -3.68 1.90 5.07
N THR B 51 -3.40 1.57 6.30
CA THR B 51 -2.47 0.46 6.54
C THR B 51 -2.98 -0.85 5.99
N TYR B 52 -4.30 -1.02 5.99
CA TYR B 52 -4.86 -2.26 5.54
C TYR B 52 -4.48 -2.44 4.10
N TRP B 53 -4.74 -1.40 3.33
CA TRP B 53 -4.58 -1.49 1.92
C TRP B 53 -3.11 -1.29 1.46
N LYS B 54 -2.29 -0.69 2.29
CA LYS B 54 -0.91 -0.60 1.93
C LYS B 54 -0.50 -2.03 1.92
N LEU B 55 -0.90 -2.76 2.97
CA LEU B 55 -0.49 -4.13 3.15
C LEU B 55 -1.16 -5.10 2.15
N GLU B 56 -2.43 -4.90 1.86
CA GLU B 56 -3.12 -5.78 0.96
C GLU B 56 -2.42 -5.72 -0.36
N ASN B 57 -2.21 -4.49 -0.83
CA ASN B 57 -1.61 -4.15 -2.13
C ASN B 57 -0.19 -4.57 -2.33
N GLN B 58 0.47 -4.82 -1.23
CA GLN B 58 1.78 -5.36 -1.19
C GLN B 58 1.87 -6.86 -1.35
N LYS B 59 0.74 -7.53 -1.11
CA LYS B 59 0.70 -8.99 -1.17
C LYS B 59 1.13 -9.40 -2.55
N LYS B 60 2.04 -10.34 -2.64
CA LYS B 60 2.55 -10.77 -3.90
C LYS B 60 1.72 -11.86 -4.59
N LEU B 61 1.43 -11.70 -5.86
CA LEU B 61 0.64 -12.73 -6.56
C LEU B 61 1.49 -13.90 -7.04
N TYR B 62 0.99 -15.10 -6.83
CA TYR B 62 1.60 -16.28 -7.39
C TYR B 62 1.15 -16.42 -8.83
N ARG B 63 2.12 -16.50 -9.76
CA ARG B 63 1.84 -16.71 -11.20
C ARG B 63 2.09 -18.15 -11.69
N GLY B 64 1.02 -18.84 -12.05
CA GLY B 64 1.16 -20.20 -12.58
C GLY B 64 1.33 -20.21 -14.11
N SER B 65 1.13 -19.04 -14.76
CA SER B 65 1.09 -18.94 -16.23
C SER B 65 2.24 -18.13 -16.87
N LEU B 66 2.25 -16.79 -16.57
CA LEU B 66 3.07 -15.67 -17.14
C LEU B 66 3.42 -15.75 -18.67
N LYS B 67 3.28 -17.07 -19.04
N ASN C 4 -2.12 -36.77 3.70
CA ASN C 4 -1.52 -37.66 2.63
C ASN C 4 -1.27 -37.07 1.21
N LEU C 5 -0.03 -36.60 1.00
CA LEU C 5 0.37 -35.61 -0.01
C LEU C 5 1.33 -36.04 -1.10
N SER C 6 1.51 -35.14 -2.09
CA SER C 6 2.48 -35.30 -3.18
C SER C 6 3.91 -35.39 -2.68
N ALA C 7 4.75 -36.21 -3.34
CA ALA C 7 6.12 -36.50 -2.88
C ALA C 7 7.03 -35.29 -2.93
N CYS C 8 6.98 -34.49 -4.01
CA CYS C 8 7.68 -33.18 -3.95
C CYS C 8 7.11 -32.23 -2.89
N GLU C 9 5.81 -32.32 -2.63
CA GLU C 9 5.17 -31.48 -1.62
C GLU C 9 5.82 -31.82 -0.30
N VAL C 10 5.79 -33.11 0.03
CA VAL C 10 6.48 -33.64 1.20
C VAL C 10 7.95 -33.21 1.23
N ALA C 11 8.62 -33.29 0.08
CA ALA C 11 10.01 -32.88 0.04
C ALA C 11 10.24 -31.45 0.61
N VAL C 12 9.46 -30.47 0.17
CA VAL C 12 9.68 -29.07 0.57
C VAL C 12 9.29 -28.78 2.03
N LEU C 13 8.10 -29.22 2.43
CA LEU C 13 7.68 -29.10 3.81
C LEU C 13 8.77 -29.58 4.77
N ASP C 14 9.43 -30.69 4.43
CA ASP C 14 10.55 -31.21 5.25
C ASP C 14 11.74 -30.24 5.36
N LEU C 15 12.18 -29.69 4.22
CA LEU C 15 13.01 -28.49 4.25
C LEU C 15 12.60 -27.49 5.34
N TYR C 16 11.28 -27.29 5.46
CA TYR C 16 10.77 -26.18 6.27
C TYR C 16 10.93 -26.64 7.69
N GLU C 17 10.77 -27.95 7.88
CA GLU C 17 10.92 -28.54 9.22
C GLU C 17 12.37 -28.38 9.76
N GLN C 18 13.35 -28.82 8.96
CA GLN C 18 14.77 -28.62 9.29
C GLN C 18 15.11 -27.18 9.67
N SER C 19 14.45 -26.20 9.05
CA SER C 19 14.66 -24.84 9.55
C SER C 19 13.70 -24.47 10.73
N ASN C 20 13.17 -25.46 11.47
CA ASN C 20 12.19 -25.17 12.54
C ASN C 20 11.13 -24.08 12.22
N ILE C 21 10.40 -24.21 11.10
CA ILE C 21 9.40 -23.20 10.67
C ILE C 21 8.00 -23.79 10.57
N ARG C 22 7.05 -23.26 11.33
CA ARG C 22 5.67 -23.76 11.24
C ARG C 22 4.99 -23.10 10.07
N ILE C 23 4.38 -23.93 9.22
CA ILE C 23 3.57 -23.48 8.11
C ILE C 23 2.14 -23.45 8.64
N PRO C 24 1.49 -22.30 8.64
CA PRO C 24 0.11 -22.24 9.10
C PRO C 24 -0.69 -23.24 8.34
N SER C 25 -1.78 -23.70 8.89
CA SER C 25 -2.43 -24.76 8.16
C SER C 25 -3.34 -24.33 7.02
N ASP C 26 -3.65 -23.03 6.92
CA ASP C 26 -4.34 -22.51 5.73
C ASP C 26 -3.49 -22.61 4.51
N ILE C 27 -2.17 -22.55 4.70
CA ILE C 27 -1.30 -22.65 3.53
C ILE C 27 -1.39 -24.09 2.97
N ILE C 28 -1.20 -25.06 3.86
CA ILE C 28 -1.37 -26.47 3.55
C ILE C 28 -2.66 -26.67 2.78
N GLU C 29 -3.78 -26.19 3.32
CA GLU C 29 -5.00 -26.21 2.51
C GLU C 29 -4.77 -25.70 1.09
N ASP C 30 -4.43 -24.44 0.93
CA ASP C 30 -4.32 -23.84 -0.40
C ASP C 30 -3.34 -24.56 -1.29
N LEU C 31 -2.38 -25.23 -0.65
CA LEU C 31 -1.39 -26.02 -1.35
C LEU C 31 -1.97 -27.27 -2.04
N VAL C 32 -2.82 -28.02 -1.32
CA VAL C 32 -3.41 -29.22 -1.91
C VAL C 32 -4.25 -28.91 -3.13
N ASN C 33 -4.99 -27.77 -3.10
CA ASN C 33 -5.72 -27.39 -4.33
C ASN C 33 -4.86 -26.78 -5.45
N GLN C 34 -3.74 -27.41 -5.87
CA GLN C 34 -2.99 -26.84 -7.00
C GLN C 34 -2.07 -27.81 -7.70
N ARG C 35 -2.02 -29.06 -7.18
CA ARG C 35 -0.99 -30.06 -7.58
C ARG C 35 0.24 -29.49 -8.30
N LEU C 36 0.95 -28.53 -7.73
CA LEU C 36 2.13 -28.04 -8.42
C LEU C 36 3.11 -29.18 -8.74
N GLN C 37 3.87 -29.07 -9.84
CA GLN C 37 4.71 -30.21 -10.30
C GLN C 37 6.16 -30.34 -9.83
N SER C 38 6.98 -29.28 -9.91
CA SER C 38 8.36 -29.36 -9.41
C SER C 38 8.34 -28.97 -7.93
N GLU C 39 9.47 -29.22 -7.25
CA GLU C 39 9.74 -28.65 -5.91
C GLU C 39 9.82 -27.12 -5.96
N GLN C 40 10.58 -26.59 -6.92
CA GLN C 40 10.67 -25.13 -7.15
C GLN C 40 9.34 -24.35 -7.04
N GLU C 41 8.30 -24.89 -7.70
CA GLU C 41 6.99 -24.25 -7.73
C GLU C 41 6.32 -24.34 -6.37
N VAL C 42 6.37 -25.53 -5.77
CA VAL C 42 5.94 -25.66 -4.37
C VAL C 42 6.58 -24.58 -3.48
N LEU C 43 7.90 -24.62 -3.33
CA LEU C 43 8.60 -23.61 -2.54
C LEU C 43 8.17 -22.24 -2.93
N ASN C 44 7.96 -22.00 -4.22
CA ASN C 44 7.58 -20.67 -4.64
C ASN C 44 6.20 -20.26 -4.19
N TYR C 45 5.30 -21.23 -4.22
CA TYR C 45 3.96 -20.98 -3.82
C TYR C 45 3.86 -20.73 -2.30
N ILE C 46 4.46 -21.66 -1.54
CA ILE C 46 4.55 -21.53 -0.09
C ILE C 46 5.16 -20.22 0.30
N GLU C 47 6.27 -19.83 -0.33
CA GLU C 47 6.90 -18.57 0.00
C GLU C 47 5.98 -17.38 -0.15
N THR C 48 5.19 -17.38 -1.20
CA THR C 48 4.19 -16.37 -1.44
C THR C 48 3.20 -16.31 -0.30
N GLN C 49 2.82 -17.48 0.22
CA GLN C 49 1.71 -17.61 1.14
C GLN C 49 2.09 -17.22 2.57
N ARG C 50 3.28 -17.59 2.98
CA ARG C 50 4.05 -16.91 3.99
C ARG C 50 4.05 -15.35 3.96
N THR C 51 4.32 -14.73 2.81
CA THR C 51 4.27 -13.29 2.73
C THR C 51 2.85 -12.85 2.93
N TYR C 52 1.89 -13.65 2.50
CA TYR C 52 0.49 -13.27 2.56
C TYR C 52 0.07 -13.10 4.00
N TRP C 53 0.50 -14.04 4.83
CA TRP C 53 0.07 -14.11 6.18
C TRP C 53 0.96 -13.32 7.13
N LYS C 54 2.23 -13.10 6.76
CA LYS C 54 3.00 -12.10 7.44
C LYS C 54 2.30 -10.77 7.33
N LEU C 55 1.87 -10.44 6.12
CA LEU C 55 1.17 -9.20 5.92
C LEU C 55 -0.17 -9.16 6.65
N GLU C 56 -0.97 -10.22 6.52
CA GLU C 56 -2.33 -10.21 6.98
C GLU C 56 -2.34 -10.09 8.46
N ASN C 57 -1.34 -10.67 9.10
CA ASN C 57 -1.32 -10.72 10.54
C ASN C 57 -0.83 -9.42 11.12
N GLN C 58 0.02 -8.74 10.38
CA GLN C 58 0.34 -7.34 10.59
C GLN C 58 -0.78 -6.32 10.57
N LYS C 59 -1.82 -6.50 9.76
CA LYS C 59 -2.87 -5.51 9.67
C LYS C 59 -3.26 -5.10 11.06
N LYS C 60 -3.57 -3.85 11.29
CA LYS C 60 -3.93 -3.37 12.61
C LYS C 60 -5.47 -3.39 12.89
N LEU C 61 -5.87 -3.78 14.10
CA LEU C 61 -7.30 -3.78 14.43
C LEU C 61 -7.76 -2.40 14.86
N TYR C 62 -8.88 -1.95 14.28
CA TYR C 62 -9.61 -0.82 14.83
C TYR C 62 -10.43 -1.21 16.05
N ARG C 63 -10.20 -0.54 17.20
CA ARG C 63 -10.99 -0.87 18.38
C ARG C 63 -12.03 0.19 18.82
N GLY C 64 -13.30 -0.20 18.65
CA GLY C 64 -14.43 0.64 18.98
C GLY C 64 -14.86 0.55 20.45
N SER C 65 -14.34 -0.40 21.24
CA SER C 65 -14.55 -0.25 22.71
C SER C 65 -13.21 -0.31 23.52
N LEU C 66 -12.30 -1.25 23.12
CA LEU C 66 -11.30 -1.89 24.02
C LEU C 66 -11.95 -2.34 25.37
N LYS C 67 -12.02 -1.67 26.44
N ASN D 4 -18.68 -23.39 15.72
CA ASN D 4 -19.63 -23.04 16.83
C ASN D 4 -18.88 -22.64 18.10
N LEU D 5 -19.28 -21.49 18.68
CA LEU D 5 -18.40 -20.86 19.67
C LEU D 5 -19.09 -19.99 20.70
N SER D 6 -18.35 -19.70 21.76
CA SER D 6 -18.79 -18.83 22.84
C SER D 6 -19.18 -17.46 22.29
N ALA D 7 -20.20 -16.81 22.87
CA ALA D 7 -20.66 -15.54 22.36
C ALA D 7 -19.54 -14.51 22.36
N CYS D 8 -18.74 -14.40 23.43
CA CYS D 8 -17.66 -13.37 23.39
C CYS D 8 -16.64 -13.65 22.29
N GLU D 9 -16.24 -14.92 22.14
CA GLU D 9 -15.36 -15.36 21.05
C GLU D 9 -15.88 -14.76 19.75
N VAL D 10 -17.11 -15.14 19.41
CA VAL D 10 -17.91 -14.55 18.32
C VAL D 10 -17.97 -12.99 18.28
N ALA D 11 -18.20 -12.34 19.40
CA ALA D 11 -18.11 -10.89 19.40
C ALA D 11 -16.76 -10.38 18.89
N VAL D 12 -15.66 -10.94 19.35
CA VAL D 12 -14.33 -10.46 18.95
C VAL D 12 -14.00 -10.84 17.49
N LEU D 13 -14.34 -12.09 17.12
CA LEU D 13 -14.20 -12.48 15.72
C LEU D 13 -14.89 -11.52 14.79
N ASP D 14 -16.10 -11.05 15.12
CA ASP D 14 -16.68 -10.04 14.22
C ASP D 14 -16.05 -8.66 14.19
N LEU D 15 -15.41 -8.26 15.30
CA LEU D 15 -14.43 -7.16 15.24
C LEU D 15 -13.45 -7.31 14.09
N TYR D 16 -12.95 -8.54 13.92
CA TYR D 16 -11.85 -8.75 12.99
C TYR D 16 -12.49 -8.72 11.67
N GLU D 17 -13.71 -9.19 11.54
CA GLU D 17 -14.31 -9.05 10.21
C GLU D 17 -14.66 -7.63 9.75
N GLN D 18 -15.32 -6.90 10.61
CA GLN D 18 -15.51 -5.48 10.36
C GLN D 18 -14.14 -4.81 10.14
N SER D 19 -13.01 -5.35 10.61
CA SER D 19 -11.83 -4.71 10.07
C SER D 19 -11.29 -5.35 8.75
N ASN D 20 -12.00 -6.34 8.19
CA ASN D 20 -11.53 -7.15 7.01
C ASN D 20 -10.20 -7.90 7.21
N ILE D 21 -10.06 -8.61 8.32
CA ILE D 21 -8.82 -9.24 8.64
C ILE D 21 -9.15 -10.70 8.73
N ARG D 22 -8.53 -11.56 7.95
CA ARG D 22 -8.61 -12.99 8.18
C ARG D 22 -7.74 -13.45 9.36
N ILE D 23 -8.32 -14.24 10.24
CA ILE D 23 -7.61 -14.88 11.34
C ILE D 23 -7.17 -16.27 10.86
N PRO D 24 -5.88 -16.56 10.88
CA PRO D 24 -5.40 -17.91 10.52
C PRO D 24 -6.19 -19.00 11.25
N SER D 25 -6.34 -20.17 10.68
CA SER D 25 -7.22 -21.10 11.40
C SER D 25 -6.55 -21.88 12.53
N ASP D 26 -5.24 -21.90 12.54
CA ASP D 26 -4.53 -22.37 13.70
C ASP D 26 -4.83 -21.49 14.89
N ILE D 27 -5.04 -20.19 14.67
CA ILE D 27 -5.43 -19.35 15.79
C ILE D 27 -6.82 -19.77 16.30
N ILE D 28 -7.84 -19.77 15.46
CA ILE D 28 -9.13 -20.21 15.87
C ILE D 28 -9.00 -21.49 16.71
N GLU D 29 -8.42 -22.56 16.16
CA GLU D 29 -8.08 -23.79 16.94
C GLU D 29 -7.59 -23.56 18.38
N ASP D 30 -6.37 -23.06 18.54
CA ASP D 30 -5.88 -22.78 19.90
C ASP D 30 -6.91 -21.98 20.71
N LEU D 31 -7.66 -21.09 20.05
CA LEU D 31 -8.61 -20.24 20.77
C LEU D 31 -9.66 -21.05 21.53
N VAL D 32 -10.24 -22.04 20.85
CA VAL D 32 -11.34 -22.83 21.41
C VAL D 32 -10.89 -23.66 22.64
N ASN D 33 -9.69 -24.27 22.56
CA ASN D 33 -9.14 -24.90 23.76
C ASN D 33 -8.56 -23.87 24.72
N GLN D 34 -9.28 -22.79 25.01
CA GLN D 34 -8.94 -22.02 26.24
C GLN D 34 -10.13 -21.46 27.00
N ARG D 35 -11.36 -21.58 26.45
CA ARG D 35 -12.59 -20.97 27.04
C ARG D 35 -12.42 -19.55 27.70
N LEU D 36 -11.64 -18.65 27.11
CA LEU D 36 -11.40 -17.35 27.79
C LEU D 36 -12.72 -16.64 28.03
N GLN D 37 -12.80 -15.79 29.06
CA GLN D 37 -14.12 -15.24 29.41
C GLN D 37 -14.54 -13.82 28.97
N SER D 38 -13.74 -12.80 29.22
CA SER D 38 -14.16 -11.51 28.71
C SER D 38 -13.75 -11.47 27.24
N GLU D 39 -14.18 -10.41 26.56
CA GLU D 39 -13.75 -10.17 25.18
C GLU D 39 -12.34 -9.62 25.20
N GLN D 40 -12.08 -8.69 26.12
CA GLN D 40 -10.72 -8.29 26.44
C GLN D 40 -9.73 -9.48 26.42
N GLU D 41 -10.02 -10.56 27.19
CA GLU D 41 -9.10 -11.71 27.26
C GLU D 41 -8.90 -12.40 25.89
N VAL D 42 -10.03 -12.62 25.20
CA VAL D 42 -10.06 -13.21 23.84
C VAL D 42 -9.19 -12.43 22.80
N LEU D 43 -9.53 -11.15 22.61
CA LEU D 43 -8.73 -10.24 21.75
C LEU D 43 -7.23 -10.25 22.10
N ASN D 44 -6.87 -10.17 23.40
CA ASN D 44 -5.46 -10.21 23.81
C ASN D 44 -4.79 -11.49 23.36
N TYR D 45 -5.58 -12.53 23.36
CA TYR D 45 -5.03 -13.79 23.03
C TYR D 45 -4.75 -13.80 21.52
N ILE D 46 -5.78 -13.45 20.74
CA ILE D 46 -5.72 -13.50 19.31
C ILE D 46 -4.57 -12.62 18.89
N GLU D 47 -4.49 -11.42 19.45
CA GLU D 47 -3.41 -10.52 19.09
C GLU D 47 -2.04 -11.12 19.32
N THR D 48 -1.83 -11.63 20.51
CA THR D 48 -0.62 -12.32 20.81
C THR D 48 -0.32 -13.32 19.73
N GLN D 49 -1.34 -14.05 19.30
CA GLN D 49 -1.20 -15.13 18.35
C GLN D 49 -0.85 -14.57 16.95
N ARG D 50 -1.57 -13.53 16.51
CA ARG D 50 -1.17 -12.79 15.31
C ARG D 50 0.33 -12.37 15.26
N THR D 51 0.89 -11.97 16.40
CA THR D 51 2.34 -11.70 16.45
C THR D 51 3.20 -12.95 16.27
N TYR D 52 2.78 -14.02 16.90
CA TYR D 52 3.59 -15.20 16.82
C TYR D 52 3.79 -15.57 15.35
N TRP D 53 2.73 -15.43 14.57
CA TRP D 53 2.67 -15.90 13.22
C TRP D 53 3.15 -14.85 12.19
N LYS D 54 3.03 -13.57 12.52
CA LYS D 54 3.73 -12.58 11.76
C LYS D 54 5.17 -12.98 11.80
N LEU D 55 5.62 -13.30 13.00
CA LEU D 55 7.00 -13.63 13.19
C LEU D 55 7.38 -14.92 12.48
N GLU D 56 6.58 -15.95 12.70
CA GLU D 56 6.89 -17.25 12.11
C GLU D 56 7.03 -17.16 10.59
N ASN D 57 6.08 -16.47 9.97
CA ASN D 57 5.95 -16.41 8.53
C ASN D 57 7.03 -15.56 7.88
N GLN D 58 7.77 -14.91 8.76
CA GLN D 58 8.93 -14.09 8.41
C GLN D 58 10.21 -14.86 8.44
N LYS D 59 10.32 -15.85 9.33
CA LYS D 59 11.55 -16.64 9.45
C LYS D 59 11.98 -17.02 8.06
N LYS D 60 13.27 -16.99 7.82
CA LYS D 60 13.78 -17.13 6.49
C LYS D 60 14.22 -18.56 6.12
N LEU D 61 13.78 -19.06 4.95
CA LEU D 61 14.10 -20.43 4.53
C LEU D 61 15.54 -20.59 4.11
N TYR D 62 16.21 -21.59 4.69
CA TYR D 62 17.49 -22.00 4.09
C TYR D 62 17.30 -23.02 2.91
N ARG D 63 17.68 -22.61 1.68
CA ARG D 63 17.47 -23.51 0.51
C ARG D 63 18.73 -24.21 -0.04
N GLY D 64 18.65 -25.54 0.02
CA GLY D 64 19.51 -26.45 -0.73
C GLY D 64 19.08 -26.54 -2.21
N SER D 65 17.86 -26.01 -2.52
CA SER D 65 17.30 -25.56 -3.86
C SER D 65 17.88 -24.17 -4.38
N LEU D 66 17.06 -23.06 -4.34
CA LEU D 66 17.44 -21.60 -4.55
C LEU D 66 16.84 -20.94 -5.81
N LYS D 67 16.68 -21.64 -6.83
N ASN E 4 11.05 35.68 -1.21
CA ASN E 4 11.01 36.56 0.04
C ASN E 4 10.27 35.97 1.29
N LEU E 5 11.00 35.13 2.03
CA LEU E 5 10.38 34.22 2.97
C LEU E 5 10.65 34.54 4.42
N SER E 6 9.91 33.83 5.29
CA SER E 6 10.10 33.88 6.75
C SER E 6 11.47 33.40 7.21
N ALA E 7 11.96 34.04 8.27
CA ALA E 7 13.27 33.73 8.85
C ALA E 7 13.42 32.23 9.20
N CYS E 8 12.45 31.63 9.88
CA CYS E 8 12.64 30.24 10.30
C CYS E 8 12.53 29.29 9.08
N GLU E 9 11.75 29.73 8.06
CA GLU E 9 11.69 29.05 6.76
C GLU E 9 13.10 29.05 6.16
N VAL E 10 13.72 30.22 6.08
CA VAL E 10 15.11 30.36 5.62
C VAL E 10 16.13 29.55 6.46
N ALA E 11 16.02 29.57 7.77
CA ALA E 11 16.90 28.75 8.58
C ALA E 11 16.93 27.29 8.03
N VAL E 12 15.77 26.62 8.01
CA VAL E 12 15.67 25.22 7.59
C VAL E 12 16.04 24.94 6.12
N LEU E 13 15.53 25.74 5.20
CA LEU E 13 15.94 25.59 3.84
C LEU E 13 17.44 25.54 3.69
N ASP E 14 18.20 26.32 4.48
CA ASP E 14 19.67 26.26 4.34
C ASP E 14 20.31 25.02 4.96
N LEU E 15 19.75 24.57 6.08
CA LEU E 15 19.98 23.20 6.52
C LEU E 15 19.93 22.14 5.38
N TYR E 16 18.95 22.25 4.49
CA TYR E 16 18.86 21.32 3.40
C TYR E 16 19.92 21.58 2.36
N GLU E 17 20.21 22.85 2.08
CA GLU E 17 21.34 23.24 1.22
C GLU E 17 22.66 22.68 1.75
N GLN E 18 22.81 22.79 3.07
CA GLN E 18 23.96 22.23 3.75
C GLN E 18 24.08 20.73 3.51
N SER E 19 22.98 20.00 3.46
CA SER E 19 23.11 18.59 3.07
C SER E 19 23.12 18.29 1.52
N ASN E 20 23.43 19.28 0.65
CA ASN E 20 23.21 19.19 -0.84
C ASN E 20 21.89 18.47 -1.30
N ILE E 21 20.74 18.95 -0.81
CA ILE E 21 19.44 18.43 -1.20
C ILE E 21 18.60 19.54 -1.86
N ARG E 22 18.25 19.41 -3.10
CA ARG E 22 17.36 20.37 -3.69
C ARG E 22 16.00 20.01 -3.19
N ILE E 23 15.23 21.00 -2.75
CA ILE E 23 13.82 20.85 -2.36
C ILE E 23 12.93 21.17 -3.54
N PRO E 24 12.04 20.27 -3.94
CA PRO E 24 11.19 20.54 -5.11
C PRO E 24 10.47 21.86 -4.98
N SER E 25 10.10 22.53 -6.06
CA SER E 25 9.51 23.83 -5.85
C SER E 25 8.07 23.76 -5.47
N ASP E 26 7.36 22.70 -5.83
CA ASP E 26 6.03 22.45 -5.28
C ASP E 26 6.05 22.42 -3.80
N ILE E 27 7.10 21.94 -3.19
CA ILE E 27 7.10 21.95 -1.74
C ILE E 27 7.24 23.41 -1.21
N ILE E 28 8.19 24.19 -1.73
CA ILE E 28 8.31 25.59 -1.38
C ILE E 28 6.98 26.30 -1.48
N GLU E 29 6.32 26.29 -2.65
CA GLU E 29 4.92 26.77 -2.81
C GLU E 29 3.99 26.32 -1.71
N ASP E 30 3.93 25.03 -1.44
CA ASP E 30 3.10 24.61 -0.34
C ASP E 30 3.55 25.15 0.96
N LEU E 31 4.84 25.35 1.11
CA LEU E 31 5.33 25.84 2.40
C LEU E 31 4.89 27.28 2.73
N VAL E 32 4.91 28.15 1.73
CA VAL E 32 4.51 29.51 1.91
C VAL E 32 3.09 29.54 2.46
N ASN E 33 2.10 29.01 1.76
CA ASN E 33 0.74 29.18 2.26
C ASN E 33 0.52 28.46 3.59
N GLN E 34 1.40 28.59 4.57
CA GLN E 34 1.15 27.92 5.86
C GLN E 34 1.59 28.67 7.09
N ARG E 35 2.48 29.67 6.89
CA ARG E 35 3.13 30.42 7.98
C ARG E 35 3.43 29.58 9.23
N LEU E 36 4.14 28.48 9.05
CA LEU E 36 4.45 27.66 10.22
C LEU E 36 5.38 28.43 11.12
N GLN E 37 5.33 28.19 12.42
CA GLN E 37 6.00 29.12 13.34
C GLN E 37 7.29 28.68 14.03
N SER E 38 7.45 27.39 14.35
CA SER E 38 8.77 26.95 14.83
C SER E 38 9.63 26.56 13.65
N GLU E 39 10.92 26.32 13.87
CA GLU E 39 11.72 25.69 12.83
C GLU E 39 11.27 24.27 12.80
N GLN E 40 11.03 23.70 13.98
CA GLN E 40 10.54 22.32 14.09
C GLN E 40 9.38 21.99 13.18
N GLU E 41 8.45 22.92 13.01
CA GLU E 41 7.27 22.61 12.24
C GLU E 41 7.64 22.61 10.76
N VAL E 42 8.37 23.64 10.36
CA VAL E 42 8.90 23.70 9.02
C VAL E 42 9.58 22.37 8.65
N LEU E 43 10.62 21.99 9.37
CA LEU E 43 11.30 20.72 9.13
C LEU E 43 10.38 19.53 9.03
N ASN E 44 9.45 19.40 9.96
CA ASN E 44 8.46 18.34 9.86
C ASN E 44 7.54 18.45 8.64
N TYR E 45 7.19 19.67 8.25
CA TYR E 45 6.33 19.83 7.12
C TYR E 45 7.08 19.43 5.88
N ILE E 46 8.29 19.95 5.78
CA ILE E 46 9.09 19.66 4.61
C ILE E 46 9.41 18.19 4.52
N GLU E 47 9.78 17.59 5.64
CA GLU E 47 10.05 16.16 5.65
C GLU E 47 8.90 15.30 5.14
N THR E 48 7.68 15.63 5.57
CA THR E 48 6.45 15.02 5.08
C THR E 48 6.28 15.17 3.58
N GLN E 49 6.71 16.29 3.01
CA GLN E 49 6.44 16.56 1.62
C GLN E 49 7.40 15.84 0.72
N ARG E 50 8.59 15.62 1.26
CA ARG E 50 9.60 14.87 0.60
C ARG E 50 9.18 13.44 0.50
N THR E 51 8.56 12.91 1.54
CA THR E 51 7.96 11.59 1.43
C THR E 51 6.88 11.56 0.39
N TYR E 52 6.02 12.54 0.39
CA TYR E 52 4.95 12.58 -0.57
C TYR E 52 5.51 12.46 -1.97
N TRP E 53 6.57 13.17 -2.29
CA TRP E 53 7.07 13.17 -3.63
C TRP E 53 8.12 12.06 -3.96
N LYS E 54 8.73 11.48 -2.92
CA LYS E 54 9.42 10.23 -3.11
C LYS E 54 8.42 9.20 -3.62
N LEU E 55 7.22 9.21 -3.06
CA LEU E 55 6.24 8.18 -3.36
C LEU E 55 5.51 8.43 -4.67
N GLU E 56 5.34 9.70 -4.97
CA GLU E 56 4.62 10.08 -6.14
C GLU E 56 5.45 9.76 -7.33
N ASN E 57 6.76 9.88 -7.15
CA ASN E 57 7.69 9.74 -8.25
C ASN E 57 8.07 8.32 -8.58
N GLN E 58 7.84 7.46 -7.59
CA GLN E 58 7.95 6.06 -7.73
C GLN E 58 6.80 5.44 -8.45
N LYS E 59 5.66 6.10 -8.43
CA LYS E 59 4.47 5.54 -9.05
C LYS E 59 4.88 5.15 -10.44
N LYS E 60 4.60 3.94 -10.81
CA LYS E 60 4.86 3.41 -12.12
C LYS E 60 3.84 3.78 -13.24
N LEU E 61 4.33 4.24 -14.37
CA LEU E 61 3.43 4.61 -15.48
C LEU E 61 2.97 3.43 -16.32
N TYR E 62 1.66 3.24 -16.45
CA TYR E 62 1.24 2.23 -17.43
C TYR E 62 1.47 2.67 -18.87
N ARG E 63 2.15 1.82 -19.64
CA ARG E 63 2.22 2.15 -21.06
C ARG E 63 1.48 1.24 -22.07
N GLY E 64 0.48 1.90 -22.68
CA GLY E 64 -0.43 1.35 -23.70
C GLY E 64 0.16 1.74 -25.04
N SER E 65 0.99 2.80 -25.07
CA SER E 65 1.79 3.18 -26.27
C SER E 65 3.23 2.55 -26.23
N LEU E 66 4.13 3.06 -25.35
CA LEU E 66 5.61 2.74 -25.25
C LEU E 66 6.40 2.69 -26.56
N LYS E 67 7.37 3.49 -26.65
N ASN F 4 1.04 27.08 -21.29
CA ASN F 4 0.89 26.81 -22.74
C ASN F 4 2.05 26.02 -23.41
N LEU F 5 1.68 24.88 -24.04
CA LEU F 5 2.61 23.81 -24.45
C LEU F 5 2.36 23.11 -25.79
N SER F 6 3.46 22.52 -26.31
CA SER F 6 3.56 21.68 -27.52
C SER F 6 2.60 20.49 -27.55
N ALA F 7 2.10 20.14 -28.74
CA ALA F 7 1.07 19.09 -28.88
C ALA F 7 1.55 17.76 -28.31
N CYS F 8 2.74 17.33 -28.70
CA CYS F 8 3.23 16.03 -28.21
C CYS F 8 3.57 16.05 -26.68
N GLU F 9 3.86 17.24 -26.14
CA GLU F 9 4.04 17.44 -24.70
C GLU F 9 2.69 17.21 -24.00
N VAL F 10 1.68 17.96 -24.40
CA VAL F 10 0.33 17.72 -23.86
C VAL F 10 -0.16 16.24 -24.02
N ALA F 11 0.23 15.56 -25.10
CA ALA F 11 -0.08 14.15 -25.24
C ALA F 11 0.43 13.33 -24.05
N VAL F 12 1.70 13.46 -23.69
CA VAL F 12 2.29 12.66 -22.59
C VAL F 12 1.83 13.07 -21.16
N LEU F 13 1.83 14.37 -20.88
CA LEU F 13 1.21 14.83 -19.65
C LEU F 13 -0.17 14.24 -19.47
N ASP F 14 -0.98 14.11 -20.51
CA ASP F 14 -2.31 13.51 -20.26
C ASP F 14 -2.34 12.02 -20.01
N LEU F 15 -1.33 11.33 -20.52
CA LEU F 15 -1.03 10.00 -20.06
C LEU F 15 -0.85 9.94 -18.55
N TYR F 16 -0.04 10.84 -18.02
CA TYR F 16 0.17 10.79 -16.59
C TYR F 16 -1.13 11.08 -15.87
N GLU F 17 -1.92 12.02 -16.36
CA GLU F 17 -3.23 12.27 -15.75
C GLU F 17 -4.02 11.01 -15.74
N GLN F 18 -4.27 10.45 -16.92
CA GLN F 18 -4.98 9.20 -16.96
C GLN F 18 -4.39 8.26 -15.92
N SER F 19 -3.08 8.12 -15.79
CA SER F 19 -2.67 7.27 -14.68
C SER F 19 -2.72 7.91 -13.27
N ASN F 20 -3.35 9.09 -13.09
CA ASN F 20 -3.37 9.76 -11.78
C ASN F 20 -1.97 9.94 -11.18
N ILE F 21 -1.07 10.55 -11.94
CA ILE F 21 0.26 10.85 -11.45
C ILE F 21 0.48 12.35 -11.50
N ARG F 22 0.90 12.93 -10.40
CA ARG F 22 1.27 14.33 -10.37
C ARG F 22 2.69 14.48 -10.84
N ILE F 23 2.92 15.34 -11.83
CA ILE F 23 4.29 15.62 -12.28
C ILE F 23 4.81 16.83 -11.51
N PRO F 24 5.91 16.80 -10.76
CA PRO F 24 6.35 18.00 -10.01
C PRO F 24 6.53 19.19 -10.93
N SER F 25 6.62 20.41 -10.46
CA SER F 25 6.55 21.41 -11.50
C SER F 25 7.90 21.81 -12.05
N ASP F 26 8.93 21.43 -11.30
CA ASP F 26 10.29 21.58 -11.72
C ASP F 26 10.50 20.78 -12.96
N ILE F 27 9.80 19.66 -13.09
CA ILE F 27 10.01 18.82 -14.25
C ILE F 27 9.40 19.47 -15.47
N ILE F 28 8.15 19.91 -15.39
CA ILE F 28 7.51 20.67 -16.43
C ILE F 28 8.39 21.81 -16.90
N GLU F 29 8.89 22.63 -15.95
CA GLU F 29 9.86 23.67 -16.21
C GLU F 29 10.95 23.18 -17.11
N ASP F 30 11.78 22.25 -16.63
CA ASP F 30 12.89 21.76 -17.43
C ASP F 30 12.42 21.23 -18.78
N LEU F 31 11.20 20.68 -18.81
CA LEU F 31 10.64 20.11 -20.03
C LEU F 31 10.45 21.13 -21.17
N VAL F 32 9.99 22.32 -20.81
CA VAL F 32 9.69 23.35 -21.78
C VAL F 32 11.01 23.82 -22.39
N ASN F 33 11.97 24.26 -21.59
CA ASN F 33 13.29 24.52 -22.16
C ASN F 33 13.96 23.30 -22.79
N GLN F 34 13.27 22.46 -23.56
CA GLN F 34 13.97 21.44 -24.38
C GLN F 34 13.39 21.23 -25.77
N ARG F 35 12.16 21.76 -26.01
CA ARG F 35 11.33 21.46 -27.22
C ARG F 35 11.49 20.03 -27.77
N LEU F 36 11.42 18.99 -26.96
CA LEU F 36 11.64 17.67 -27.57
C LEU F 36 10.63 17.40 -28.70
N GLN F 37 11.05 16.63 -29.71
CA GLN F 37 10.22 16.49 -30.94
C GLN F 37 9.15 15.38 -31.03
N SER F 38 9.43 14.16 -30.54
CA SER F 38 8.44 13.08 -30.54
C SER F 38 7.84 12.92 -29.12
N GLU F 39 6.75 12.18 -29.00
CA GLU F 39 6.30 11.76 -27.64
C GLU F 39 7.25 10.80 -26.91
N GLN F 40 7.72 9.79 -27.60
CA GLN F 40 8.82 9.00 -27.12
C GLN F 40 9.86 9.78 -26.36
N GLU F 41 10.30 10.93 -26.89
CA GLU F 41 11.46 11.59 -26.26
C GLU F 41 11.03 12.28 -24.98
N VAL F 42 9.87 12.95 -25.07
CA VAL F 42 9.25 13.65 -23.97
C VAL F 42 9.08 12.73 -22.76
N LEU F 43 8.40 11.60 -22.98
CA LEU F 43 8.25 10.58 -21.98
C LEU F 43 9.54 10.08 -21.36
N ASN F 44 10.60 9.85 -22.15
CA ASN F 44 11.94 9.44 -21.62
C ASN F 44 12.52 10.49 -20.71
N TYR F 45 12.15 11.72 -20.98
CA TYR F 45 12.79 12.80 -20.32
C TYR F 45 12.14 12.92 -18.96
N ILE F 46 10.82 12.97 -19.00
CA ILE F 46 10.00 12.98 -17.80
C ILE F 46 10.37 11.79 -16.85
N GLU F 47 10.51 10.60 -17.42
CA GLU F 47 10.85 9.50 -16.58
C GLU F 47 12.18 9.72 -15.92
N THR F 48 13.09 10.28 -16.64
CA THR F 48 14.44 10.35 -16.12
C THR F 48 14.39 11.29 -14.93
N GLN F 49 13.53 12.30 -15.05
CA GLN F 49 13.40 13.35 -14.07
C GLN F 49 12.66 12.87 -12.81
N ARG F 50 11.74 11.93 -12.99
CA ARG F 50 11.05 11.34 -11.84
C ARG F 50 12.00 10.50 -11.09
N THR F 51 12.84 9.76 -11.74
CA THR F 51 13.89 9.08 -10.98
C THR F 51 14.77 10.00 -10.22
N TYR F 52 15.10 11.12 -10.83
CA TYR F 52 16.03 12.04 -10.26
C TYR F 52 15.43 12.45 -8.91
N TRP F 53 14.16 12.83 -8.96
CA TRP F 53 13.51 13.41 -7.84
C TRP F 53 13.08 12.41 -6.78
N LYS F 54 12.70 11.20 -7.20
CA LYS F 54 12.53 10.11 -6.28
C LYS F 54 13.83 9.98 -5.41
N LEU F 55 14.96 10.10 -6.04
CA LEU F 55 16.21 9.92 -5.35
C LEU F 55 16.43 11.11 -4.48
N GLU F 56 16.07 12.28 -5.00
CA GLU F 56 16.35 13.55 -4.34
C GLU F 56 15.55 13.71 -3.07
N ASN F 57 14.27 13.34 -3.16
CA ASN F 57 13.34 13.33 -2.03
C ASN F 57 13.60 12.24 -1.03
N GLN F 58 14.41 11.28 -1.44
CA GLN F 58 14.89 10.22 -0.56
C GLN F 58 16.11 10.52 0.25
N LYS F 59 16.85 11.56 -0.15
CA LYS F 59 18.15 11.82 0.43
C LYS F 59 17.81 12.15 1.88
N LYS F 60 18.70 11.75 2.79
CA LYS F 60 18.42 11.84 4.20
C LYS F 60 19.08 13.02 4.89
N LEU F 61 18.26 13.82 5.55
CA LEU F 61 18.72 15.11 6.09
C LEU F 61 19.60 14.83 7.31
N TYR F 62 20.72 15.57 7.39
CA TYR F 62 21.43 15.61 8.68
C TYR F 62 20.90 16.75 9.63
N ARG F 63 20.21 16.37 10.73
CA ARG F 63 19.72 17.40 11.70
C ARG F 63 20.59 17.77 12.93
N GLY F 64 20.91 19.07 13.03
CA GLY F 64 21.48 19.65 14.24
C GLY F 64 20.41 19.81 15.32
N SER F 65 19.12 19.66 14.93
CA SER F 65 17.90 19.76 15.79
C SER F 65 16.81 18.72 15.36
N LEU F 66 15.79 18.43 16.19
CA LEU F 66 14.55 17.63 15.78
C LEU F 66 13.43 17.56 16.85
N LYS F 67 13.14 18.49 17.62
#